data_8S1B
#
_entry.id   8S1B
#
_cell.length_a   58.740
_cell.length_b   59.290
_cell.length_c   192.460
_cell.angle_alpha   90.000
_cell.angle_beta   90.000
_cell.angle_gamma   90.000
#
_symmetry.space_group_name_H-M   'P 21 21 21'
#
loop_
_entity.id
_entity.type
_entity.pdbx_description
1 polymer 'Mast/stem cell growth factor receptor Kit'
2 non-polymer ~{N}-[[4-(1-methylpyrazol-4-yl)phenyl]methyl]-6-[7-(3-pyrrolidin-1-ylpropoxy)imidazo[1,2-a]pyridin-3-yl]pyrimidin-4-amine
3 non-polymer 'CHLORIDE ION'
4 water water
#
_entity_poly.entity_id   1
_entity_poly.type   'polypeptide(L)'
_entity_poly.pdbx_seq_one_letter_code
;GSMPMYEVQWKVVEESNGNNYSYIDPTQLPYDHKWEFPRNRLSFGKTLGAGAFGKVVEATAQGLIKSDAAMTVAVKMLKP
SAHSTEREALMSELKVLSYLGNHENIVNLLGACTHGGPTLVITEYCCYGDLLNFLRRKRDEFVPYKVAPEDLYKDFLTLE
HLLSFSYQVAKGMAFLASKNCIHRDLAARNILLTHGNITKICDFGLARDIKNDSNYVDKGNARLPVKWMAPESIFNSVYT
FESDVWSYGIFLWELFSLGSSPYPGMPVDSKFYKMIKEGFRMSSPEYAPAEMYDIMKTCWDADPDKRPTFKQIVQDIEKQ
ISESTNH
;
_entity_poly.pdbx_strand_id   A,B
#
loop_
_chem_comp.id
_chem_comp.type
_chem_comp.name
_chem_comp.formula
CL non-polymer 'CHLORIDE ION' 'Cl -1'
K3R non-polymer ~{N}-[[4-(1-methylpyrazol-4-yl)phenyl]methyl]-6-[7-(3-pyrrolidin-1-ylpropoxy)imidazo[1,2-a]pyridin-3-yl]pyrimidin-4-amine 'C29 H32 N8 O'
#
# COMPACT_ATOMS: atom_id res chain seq x y z
N GLY A 18 3.74 -18.41 -29.71
CA GLY A 18 5.13 -18.31 -30.13
C GLY A 18 5.27 -17.69 -31.51
N ASN A 19 5.20 -18.53 -32.54
CA ASN A 19 5.20 -18.02 -33.91
C ASN A 19 3.86 -17.42 -34.30
N ASN A 20 2.77 -17.89 -33.70
CA ASN A 20 1.43 -17.43 -34.04
C ASN A 20 1.02 -16.17 -33.29
N TYR A 21 1.60 -15.89 -32.13
CA TYR A 21 1.26 -14.72 -31.34
C TYR A 21 2.49 -13.81 -31.26
N SER A 22 2.31 -12.52 -31.54
CA SER A 22 3.40 -11.58 -31.51
C SER A 22 2.89 -10.21 -31.09
N TYR A 23 3.77 -9.43 -30.48
CA TYR A 23 3.44 -8.03 -30.20
C TYR A 23 3.32 -7.27 -31.50
N ILE A 24 2.39 -6.31 -31.54
CA ILE A 24 2.18 -5.48 -32.71
C ILE A 24 3.03 -4.23 -32.57
N ASP A 25 4.10 -4.15 -33.34
CA ASP A 25 5.02 -3.01 -33.31
C ASP A 25 4.33 -1.80 -33.94
N PRO A 26 4.06 -0.73 -33.19
CA PRO A 26 3.39 0.43 -33.79
C PRO A 26 4.19 1.08 -34.91
N THR A 27 5.52 1.00 -34.88
CA THR A 27 6.33 1.57 -35.94
C THR A 27 6.26 0.76 -37.23
N GLN A 28 5.75 -0.47 -37.17
CA GLN A 28 5.59 -1.28 -38.37
C GLN A 28 4.21 -1.14 -39.01
N LEU A 29 3.26 -0.52 -38.32
CA LEU A 29 1.93 -0.32 -38.88
C LEU A 29 1.98 0.78 -39.96
N PRO A 30 1.10 0.69 -40.95
CA PRO A 30 1.09 1.75 -41.99
C PRO A 30 0.62 3.07 -41.42
N TYR A 31 1.14 4.15 -42.00
CA TYR A 31 0.68 5.49 -41.65
C TYR A 31 -0.78 5.64 -42.01
N ASP A 32 -1.58 6.10 -41.06
CA ASP A 32 -3.01 6.27 -41.26
C ASP A 32 -3.27 7.67 -41.83
N HIS A 33 -3.87 7.72 -43.02
CA HIS A 33 -4.07 8.99 -43.71
C HIS A 33 -5.21 9.82 -43.10
N LYS A 34 -5.84 9.35 -42.02
CA LYS A 34 -6.79 10.21 -41.32
C LYS A 34 -6.12 11.42 -40.72
N TRP A 35 -4.80 11.38 -40.55
CA TRP A 35 -4.06 12.51 -40.00
C TRP A 35 -3.64 13.51 -41.06
N GLU A 36 -3.69 13.14 -42.33
CA GLU A 36 -3.14 13.98 -43.39
C GLU A 36 -3.88 15.32 -43.44
N PHE A 37 -3.10 16.39 -43.53
CA PHE A 37 -3.60 17.76 -43.54
C PHE A 37 -2.88 18.54 -44.64
N PRO A 38 -3.61 19.37 -45.39
CA PRO A 38 -2.97 20.15 -46.47
C PRO A 38 -1.92 21.10 -45.92
N ARG A 39 -0.69 20.97 -46.42
CA ARG A 39 0.40 21.80 -45.91
C ARG A 39 0.28 23.25 -46.36
N ASN A 40 -0.48 23.53 -47.42
CA ASN A 40 -0.72 24.92 -47.81
C ASN A 40 -1.63 25.64 -46.83
N ARG A 41 -2.29 24.92 -45.93
CA ARG A 41 -3.11 25.51 -44.89
C ARG A 41 -2.33 25.80 -43.62
N LEU A 42 -1.01 25.68 -43.65
CA LEU A 42 -0.14 25.97 -42.52
C LEU A 42 0.65 27.24 -42.80
N SER A 43 0.67 28.15 -41.84
CA SER A 43 1.48 29.36 -41.90
C SER A 43 2.42 29.36 -40.70
N PHE A 44 3.71 29.23 -40.96
CA PHE A 44 4.69 29.08 -39.90
C PHE A 44 4.99 30.41 -39.23
N GLY A 45 5.15 30.38 -37.91
CA GLY A 45 5.51 31.56 -37.15
C GLY A 45 6.90 31.45 -36.56
N LYS A 46 7.07 31.90 -35.32
CA LYS A 46 8.37 31.87 -34.67
C LYS A 46 8.76 30.44 -34.32
N THR A 47 10.08 30.21 -34.27
CA THR A 47 10.60 28.90 -33.89
C THR A 47 10.51 28.73 -32.38
N LEU A 48 9.90 27.62 -31.94
CA LEU A 48 9.75 27.34 -30.52
C LEU A 48 10.95 26.66 -29.91
N GLY A 49 11.62 25.79 -30.66
CA GLY A 49 12.80 25.10 -30.18
C GLY A 49 13.50 24.40 -31.32
N ALA A 50 14.72 23.95 -31.03
CA ALA A 50 15.53 23.27 -32.04
C ALA A 50 16.20 22.03 -31.44
N GLY A 54 15.99 19.53 -36.49
CA GLY A 54 14.78 19.04 -35.85
C GLY A 54 14.09 20.11 -35.04
N LYS A 55 13.61 21.15 -35.71
CA LYS A 55 13.02 22.29 -35.01
C LYS A 55 11.51 22.14 -34.89
N VAL A 56 10.95 22.85 -33.91
CA VAL A 56 9.51 22.92 -33.69
C VAL A 56 9.12 24.39 -33.77
N VAL A 57 8.10 24.69 -34.57
CA VAL A 57 7.71 26.07 -34.84
C VAL A 57 6.25 26.27 -34.47
N GLU A 58 5.92 27.50 -34.10
CA GLU A 58 4.53 27.89 -33.94
C GLU A 58 3.92 28.12 -35.32
N ALA A 59 2.65 27.74 -35.48
CA ALA A 59 2.01 27.84 -36.78
C ALA A 59 0.51 28.02 -36.61
N THR A 60 -0.12 28.58 -37.63
CA THR A 60 -1.57 28.71 -37.72
C THR A 60 -2.06 27.69 -38.74
N ALA A 61 -2.94 26.79 -38.29
CA ALA A 61 -3.52 25.76 -39.15
C ALA A 61 -4.93 26.20 -39.52
N GLN A 62 -5.11 26.54 -40.80
CA GLN A 62 -6.40 27.05 -41.29
C GLN A 62 -7.31 25.86 -41.59
N GLY A 63 -8.38 25.72 -40.82
CA GLY A 63 -9.35 24.68 -41.07
C GLY A 63 -8.96 23.31 -40.58
N LEU A 64 -8.16 23.22 -39.51
CA LEU A 64 -7.68 21.93 -39.04
C LEU A 64 -8.81 21.13 -38.37
N ILE A 65 -9.41 21.68 -37.33
CA ILE A 65 -10.48 21.02 -36.61
C ILE A 65 -11.86 21.50 -37.08
N LYS A 66 -12.06 22.81 -37.14
CA LYS A 66 -13.26 23.39 -37.75
C LYS A 66 -12.89 23.96 -39.11
N SER A 67 -13.80 23.79 -40.08
CA SER A 67 -13.45 24.08 -41.47
C SER A 67 -13.13 25.56 -41.67
N ASP A 68 -13.82 26.45 -40.94
CA ASP A 68 -13.72 27.88 -41.18
C ASP A 68 -12.92 28.61 -40.11
N ALA A 69 -12.21 27.89 -39.25
CA ALA A 69 -11.51 28.49 -38.12
C ALA A 69 -10.03 28.16 -38.18
N ALA A 70 -9.20 29.16 -37.93
CA ALA A 70 -7.77 28.95 -37.78
C ALA A 70 -7.45 28.46 -36.38
N MET A 71 -6.34 27.74 -36.26
CA MET A 71 -5.95 27.15 -35.00
C MET A 71 -4.44 27.24 -34.85
N THR A 72 -3.98 27.71 -33.69
CA THR A 72 -2.56 27.74 -33.39
C THR A 72 -2.10 26.34 -33.02
N VAL A 73 -1.04 25.87 -33.67
CA VAL A 73 -0.49 24.53 -33.46
C VAL A 73 1.02 24.62 -33.34
N ALA A 74 1.63 23.48 -33.02
CA ALA A 74 3.07 23.31 -33.06
C ALA A 74 3.40 22.28 -34.14
N VAL A 75 4.43 22.56 -34.93
CA VAL A 75 4.80 21.73 -36.07
C VAL A 75 6.25 21.30 -35.91
N LYS A 76 6.48 19.99 -35.84
CA LYS A 76 7.82 19.44 -35.77
C LYS A 76 8.29 19.03 -37.16
N MET A 77 9.54 19.35 -37.47
CA MET A 77 10.10 19.07 -38.78
C MET A 77 11.60 18.86 -38.64
N LEU A 78 12.18 18.19 -39.62
CA LEU A 78 13.60 17.92 -39.62
C LEU A 78 14.38 19.06 -40.25
N LYS A 79 15.66 19.13 -39.90
CA LYS A 79 16.57 20.04 -40.59
C LYS A 79 16.61 19.68 -42.07
N PRO A 80 16.74 20.68 -42.94
CA PRO A 80 16.69 20.39 -44.38
C PRO A 80 17.77 19.43 -44.85
N SER A 81 18.90 19.36 -44.14
CA SER A 81 20.00 18.47 -44.48
C SER A 81 19.84 17.08 -43.89
N ALA A 82 18.67 16.75 -43.33
CA ALA A 82 18.47 15.43 -42.76
C ALA A 82 18.51 14.37 -43.85
N HIS A 83 19.14 13.24 -43.55
CA HIS A 83 19.33 12.18 -44.52
C HIS A 83 18.25 11.10 -44.35
N SER A 84 18.44 9.98 -45.05
CA SER A 84 17.36 8.99 -45.19
C SER A 84 16.92 8.42 -43.84
N THR A 85 17.88 8.13 -42.96
CA THR A 85 17.52 7.51 -41.69
C THR A 85 16.82 8.49 -40.75
N GLU A 86 17.16 9.78 -40.83
CA GLU A 86 16.46 10.77 -40.02
C GLU A 86 15.01 10.93 -40.48
N ARG A 87 14.77 10.84 -41.79
CA ARG A 87 13.42 10.99 -42.31
C ARG A 87 12.51 9.87 -41.82
N GLU A 88 13.01 8.62 -41.85
CA GLU A 88 12.21 7.50 -41.36
C GLU A 88 12.02 7.56 -39.85
N ALA A 89 12.95 8.19 -39.13
CA ALA A 89 12.82 8.31 -37.68
C ALA A 89 11.65 9.21 -37.29
N LEU A 90 11.48 10.33 -38.01
CA LEU A 90 10.34 11.20 -37.74
C LEU A 90 9.02 10.51 -38.06
N MET A 91 8.99 9.66 -39.09
CA MET A 91 7.78 8.90 -39.38
C MET A 91 7.45 7.92 -38.27
N SER A 92 8.47 7.30 -37.68
CA SER A 92 8.23 6.36 -36.58
C SER A 92 7.63 7.08 -35.37
N GLU A 93 8.16 8.27 -35.05
CA GLU A 93 7.56 9.06 -33.97
C GLU A 93 6.11 9.40 -34.28
N LEU A 94 5.82 9.70 -35.55
CA LEU A 94 4.44 9.97 -35.95
C LEU A 94 3.55 8.74 -35.73
N LYS A 95 4.05 7.57 -36.09
CA LYS A 95 3.26 6.35 -35.94
C LYS A 95 3.03 6.00 -34.48
N VAL A 96 4.02 6.27 -33.63
CA VAL A 96 3.86 6.01 -32.19
C VAL A 96 2.80 6.94 -31.61
N LEU A 97 2.85 8.22 -31.96
CA LEU A 97 1.85 9.17 -31.48
C LEU A 97 0.45 8.79 -31.96
N SER A 98 0.35 8.26 -33.18
CA SER A 98 -0.94 7.81 -33.68
C SER A 98 -1.42 6.57 -32.93
N TYR A 99 -0.50 5.65 -32.62
CA TYR A 99 -0.87 4.44 -31.90
C TYR A 99 -1.23 4.73 -30.45
N LEU A 100 -0.56 5.70 -29.83
CA LEU A 100 -0.85 6.04 -28.44
C LEU A 100 -2.28 6.53 -28.28
N GLY A 101 -2.75 7.36 -29.21
CA GLY A 101 -4.06 7.97 -29.10
C GLY A 101 -4.04 9.19 -28.20
N ASN A 102 -5.19 9.86 -28.15
CA ASN A 102 -5.31 11.09 -27.38
C ASN A 102 -5.28 10.80 -25.89
N HIS A 103 -4.50 11.61 -25.16
CA HIS A 103 -4.50 11.58 -23.70
C HIS A 103 -4.29 12.99 -23.19
N GLU A 104 -4.89 13.28 -22.04
CA GLU A 104 -4.91 14.65 -21.51
C GLU A 104 -3.51 15.17 -21.21
N ASN A 105 -2.60 14.29 -20.79
CA ASN A 105 -1.31 14.69 -20.26
C ASN A 105 -0.16 14.42 -21.22
N ILE A 106 -0.44 14.30 -22.52
CA ILE A 106 0.60 14.24 -23.53
C ILE A 106 0.29 15.30 -24.59
N VAL A 107 1.35 15.79 -25.25
CA VAL A 107 1.19 16.72 -26.35
C VAL A 107 0.64 15.94 -27.54
N ASN A 108 -0.66 16.10 -27.79
CA ASN A 108 -1.37 15.18 -28.68
C ASN A 108 -1.11 15.47 -30.15
N LEU A 109 -1.07 14.41 -30.94
CA LEU A 109 -0.98 14.54 -32.38
C LEU A 109 -2.29 15.09 -32.95
N LEU A 110 -2.19 16.07 -33.84
CA LEU A 110 -3.36 16.64 -34.49
C LEU A 110 -3.39 16.43 -36.00
N GLY A 111 -2.26 16.18 -36.62
CA GLY A 111 -2.23 15.98 -38.06
C GLY A 111 -0.80 15.85 -38.54
N ALA A 112 -0.68 15.62 -39.85
CA ALA A 112 0.62 15.44 -40.47
C ALA A 112 0.54 15.79 -41.95
N CYS A 113 1.65 16.29 -42.48
CA CYS A 113 1.82 16.52 -43.90
C CYS A 113 2.90 15.56 -44.38
N THR A 114 2.50 14.50 -45.09
CA THR A 114 3.42 13.47 -45.53
C THR A 114 3.51 13.32 -47.04
N HIS A 115 2.56 13.87 -47.79
CA HIS A 115 2.56 13.70 -49.24
C HIS A 115 3.70 14.50 -49.86
N GLY A 116 4.61 13.79 -50.53
CA GLY A 116 5.75 14.43 -51.17
C GLY A 116 6.88 14.73 -50.21
N GLY A 117 6.60 15.54 -49.19
CA GLY A 117 7.60 15.91 -48.22
C GLY A 117 7.88 17.40 -48.22
N PRO A 118 8.60 17.89 -47.21
CA PRO A 118 9.14 17.15 -46.06
C PRO A 118 8.05 16.82 -45.04
N THR A 119 8.27 15.80 -44.21
CA THR A 119 7.26 15.40 -43.24
C THR A 119 7.10 16.46 -42.17
N LEU A 120 5.85 16.88 -41.93
CA LEU A 120 5.52 17.83 -40.88
C LEU A 120 4.60 17.13 -39.90
N VAL A 121 4.93 17.23 -38.61
CA VAL A 121 4.14 16.62 -37.54
C VAL A 121 3.45 17.74 -36.77
N ILE A 122 2.12 17.78 -36.84
CA ILE A 122 1.32 18.83 -36.22
C ILE A 122 0.82 18.31 -34.88
N THR A 123 1.11 19.05 -33.81
CA THR A 123 0.71 18.67 -32.46
C THR A 123 0.05 19.85 -31.76
N GLU A 124 -0.47 19.59 -30.56
CA GLU A 124 -1.09 20.63 -29.77
C GLU A 124 -0.08 21.72 -29.40
N TYR A 125 -0.58 22.93 -29.21
CA TYR A 125 0.23 24.06 -28.78
C TYR A 125 -0.03 24.33 -27.31
N CYS A 126 1.04 24.55 -26.56
CA CYS A 126 0.99 24.81 -25.11
C CYS A 126 1.58 26.19 -24.87
N CYS A 127 0.72 27.14 -24.51
CA CYS A 127 1.10 28.55 -24.53
C CYS A 127 2.17 28.89 -23.49
N TYR A 128 2.24 28.15 -22.39
CA TYR A 128 3.19 28.49 -21.33
C TYR A 128 4.57 27.91 -21.57
N GLY A 129 4.75 27.07 -22.58
CA GLY A 129 6.06 26.51 -22.85
C GLY A 129 6.43 25.40 -21.89
N ASP A 130 7.73 25.13 -21.82
CA ASP A 130 8.24 24.03 -21.00
C ASP A 130 8.16 24.39 -19.52
N LEU A 131 7.98 23.34 -18.69
CA LEU A 131 7.75 23.56 -17.27
C LEU A 131 9.00 24.05 -16.56
N LEU A 132 10.19 23.70 -17.05
CA LEU A 132 11.42 24.14 -16.40
C LEU A 132 11.58 25.66 -16.48
N ASN A 133 11.44 26.21 -17.69
CA ASN A 133 11.51 27.66 -17.85
C ASN A 133 10.37 28.35 -17.10
N PHE A 134 9.22 27.70 -17.00
CA PHE A 134 8.09 28.29 -16.28
C PHE A 134 8.38 28.41 -14.79
N LEU A 135 8.94 27.35 -14.19
CA LEU A 135 9.22 27.37 -12.77
C LEU A 135 10.29 28.41 -12.41
N ARG A 136 11.31 28.54 -13.25
CA ARG A 136 12.36 29.52 -12.99
C ARG A 136 11.84 30.95 -13.11
N ARG A 137 10.84 31.18 -13.97
CA ARG A 137 10.25 32.51 -14.06
C ARG A 137 9.38 32.82 -12.84
N LYS A 138 8.64 31.82 -12.36
CA LYS A 138 7.80 31.96 -11.18
C LYS A 138 8.56 31.66 -9.89
N ARG A 139 9.90 31.72 -9.93
CA ARG A 139 10.70 31.35 -8.77
C ARG A 139 10.46 32.31 -7.61
N ASP A 140 10.48 33.61 -7.89
CA ASP A 140 10.28 34.59 -6.83
C ASP A 140 8.83 34.58 -6.33
N GLU A 141 7.88 34.67 -7.26
CA GLU A 141 6.46 34.77 -6.90
C GLU A 141 5.88 33.39 -6.59
N PHE A 142 6.52 32.74 -5.62
CA PHE A 142 6.08 31.44 -5.12
C PHE A 142 5.76 31.53 -3.64
N VAL A 143 4.62 30.96 -3.26
CA VAL A 143 4.20 30.82 -1.88
C VAL A 143 3.59 29.44 -1.70
N PRO A 144 3.97 28.68 -0.65
CA PRO A 144 3.42 27.35 -0.42
C PRO A 144 1.90 27.34 -0.29
N ASP A 155 -2.73 35.19 -9.21
CA ASP A 155 -1.80 34.54 -10.12
C ASP A 155 -0.42 34.37 -9.47
N PHE A 156 -0.30 33.33 -8.64
CA PHE A 156 0.95 33.01 -7.97
C PHE A 156 1.12 31.51 -7.92
N LEU A 157 2.34 31.04 -8.19
CA LEU A 157 2.62 29.61 -8.13
C LEU A 157 2.60 29.15 -6.67
N THR A 158 1.85 28.08 -6.40
CA THR A 158 1.68 27.59 -5.04
C THR A 158 2.05 26.11 -4.97
N LEU A 159 1.91 25.55 -3.77
CA LEU A 159 2.24 24.15 -3.53
C LEU A 159 1.20 23.20 -4.10
N GLU A 160 -0.08 23.62 -4.13
CA GLU A 160 -1.11 22.81 -4.75
C GLU A 160 -0.84 22.62 -6.24
N HIS A 161 -0.24 23.61 -6.89
CA HIS A 161 0.15 23.46 -8.28
C HIS A 161 1.22 22.38 -8.43
N LEU A 162 2.17 22.32 -7.49
CA LEU A 162 3.28 21.39 -7.62
C LEU A 162 2.81 19.95 -7.47
N LEU A 163 1.88 19.69 -6.55
CA LEU A 163 1.34 18.34 -6.44
C LEU A 163 0.48 17.99 -7.65
N SER A 164 -0.24 18.97 -8.20
CA SER A 164 -1.00 18.74 -9.42
C SER A 164 -0.07 18.39 -10.58
N PHE A 165 1.02 19.14 -10.72
CA PHE A 165 1.98 18.87 -11.78
C PHE A 165 2.58 17.47 -11.64
N SER A 166 2.99 17.11 -10.42
CA SER A 166 3.55 15.79 -10.20
C SER A 166 2.52 14.70 -10.46
N TYR A 167 1.26 14.98 -10.13
CA TYR A 167 0.21 13.99 -10.34
C TYR A 167 -0.09 13.79 -11.83
N GLN A 168 -0.15 14.88 -12.59
CA GLN A 168 -0.49 14.78 -14.00
C GLN A 168 0.62 14.09 -14.79
N VAL A 169 1.88 14.36 -14.43
CA VAL A 169 2.99 13.75 -15.15
C VAL A 169 3.04 12.25 -14.90
N ALA A 170 2.76 11.83 -13.67
CA ALA A 170 2.69 10.40 -13.38
C ALA A 170 1.54 9.74 -14.13
N LYS A 171 0.42 10.45 -14.27
CA LYS A 171 -0.71 9.92 -15.03
C LYS A 171 -0.33 9.70 -16.49
N GLY A 172 0.30 10.69 -17.11
CA GLY A 172 0.73 10.53 -18.49
C GLY A 172 1.76 9.43 -18.66
N MET A 173 2.69 9.32 -17.71
CA MET A 173 3.67 8.24 -17.77
C MET A 173 3.05 6.88 -17.51
N ALA A 174 2.04 6.82 -16.64
CA ALA A 174 1.30 5.57 -16.47
C ALA A 174 0.59 5.19 -17.76
N PHE A 175 0.07 6.19 -18.49
CA PHE A 175 -0.56 5.93 -19.78
C PHE A 175 0.45 5.40 -20.79
N LEU A 176 1.63 6.02 -20.84
CA LEU A 176 2.69 5.54 -21.72
C LEU A 176 3.08 4.11 -21.37
N ALA A 177 3.24 3.82 -20.08
CA ALA A 177 3.61 2.48 -19.65
C ALA A 177 2.53 1.47 -20.04
N SER A 178 1.26 1.90 -20.01
CA SER A 178 0.17 0.99 -20.37
C SER A 178 0.21 0.64 -21.85
N LYS A 179 0.78 1.50 -22.68
CA LYS A 179 0.92 1.25 -24.11
C LYS A 179 2.29 0.68 -24.46
N ASN A 180 3.00 0.11 -23.49
CA ASN A 180 4.32 -0.49 -23.69
C ASN A 180 5.30 0.49 -24.34
N CYS A 181 5.25 1.73 -23.90
CA CYS A 181 6.10 2.79 -24.41
CA CYS A 181 6.10 2.79 -24.41
C CYS A 181 6.89 3.42 -23.27
N ILE A 182 8.20 3.55 -23.46
CA ILE A 182 9.07 4.23 -22.51
C ILE A 182 9.57 5.50 -23.16
N HIS A 183 9.73 6.55 -22.36
CA HIS A 183 10.01 7.88 -22.89
C HIS A 183 11.50 8.06 -23.18
N ARG A 184 12.34 7.73 -22.21
CA ARG A 184 13.81 7.74 -22.21
C ARG A 184 14.40 9.14 -22.08
N ASP A 185 13.60 10.18 -21.98
CA ASP A 185 14.12 11.52 -21.75
C ASP A 185 13.12 12.34 -20.94
N LEU A 186 12.65 11.77 -19.83
CA LEU A 186 11.72 12.47 -18.96
C LEU A 186 12.45 13.51 -18.11
N ALA A 187 12.02 14.76 -18.20
CA ALA A 187 12.63 15.87 -17.49
C ALA A 187 11.69 17.06 -17.57
N ALA A 188 11.95 18.05 -16.70
CA ALA A 188 11.09 19.24 -16.68
C ALA A 188 11.12 19.98 -18.00
N ARG A 189 12.25 19.92 -18.73
CA ARG A 189 12.34 20.59 -20.01
C ARG A 189 11.45 19.96 -21.07
N ASN A 190 11.05 18.70 -20.89
CA ASN A 190 10.19 18.01 -21.83
C ASN A 190 8.74 17.94 -21.35
N ILE A 191 8.39 18.70 -20.32
CA ILE A 191 7.01 18.82 -19.84
C ILE A 191 6.52 20.22 -20.22
N LEU A 192 5.39 20.28 -20.90
CA LEU A 192 4.81 21.55 -21.33
C LEU A 192 3.59 21.89 -20.46
N LEU A 193 3.31 23.18 -20.37
CA LEU A 193 2.19 23.70 -19.59
C LEU A 193 1.27 24.49 -20.51
N THR A 194 -0.04 24.25 -20.38
CA THR A 194 -1.02 24.95 -21.20
C THR A 194 -2.09 25.60 -20.33
N HIS A 195 -3.19 26.00 -20.95
CA HIS A 195 -4.27 26.64 -20.20
C HIS A 195 -4.84 25.68 -19.16
N GLY A 196 -5.33 26.24 -18.05
CA GLY A 196 -5.89 25.43 -16.99
C GLY A 196 -4.88 24.65 -16.20
N ASN A 197 -3.59 25.02 -16.28
CA ASN A 197 -2.51 24.37 -15.54
C ASN A 197 -2.47 22.86 -15.82
N ILE A 198 -2.61 22.51 -17.10
CA ILE A 198 -2.51 21.13 -17.55
C ILE A 198 -1.09 20.90 -18.06
N THR A 199 -0.42 19.89 -17.51
CA THR A 199 0.91 19.52 -17.96
C THR A 199 0.81 18.40 -18.99
N LYS A 200 1.66 18.46 -20.02
CA LYS A 200 1.65 17.51 -21.11
C LYS A 200 3.07 17.03 -21.37
N ILE A 201 3.22 15.71 -21.48
CA ILE A 201 4.53 15.11 -21.76
C ILE A 201 4.84 15.26 -23.24
N CYS A 202 6.09 15.63 -23.54
CA CYS A 202 6.56 15.82 -24.90
CA CYS A 202 6.53 15.74 -24.91
C CYS A 202 7.98 15.29 -25.00
N ASP A 203 8.57 15.45 -26.19
CA ASP A 203 9.95 15.02 -26.42
C ASP A 203 10.55 15.89 -27.51
N PHE A 204 11.51 16.74 -27.13
CA PHE A 204 12.18 17.60 -28.10
C PHE A 204 13.20 16.81 -28.92
N ALA A 222 25.79 9.27 -29.07
CA ALA A 222 25.10 10.55 -29.04
C ALA A 222 25.11 11.15 -27.64
N ARG A 223 24.72 12.42 -27.54
CA ARG A 223 24.70 13.09 -26.25
C ARG A 223 23.48 12.64 -25.45
N LEU A 224 23.69 12.34 -24.17
CA LEU A 224 22.68 11.75 -23.31
C LEU A 224 22.45 12.60 -22.06
N PRO A 225 21.22 12.59 -21.50
CA PRO A 225 20.92 13.35 -20.29
C PRO A 225 21.36 12.63 -19.01
N VAL A 226 22.66 12.74 -18.73
CA VAL A 226 23.31 11.86 -17.74
C VAL A 226 22.67 12.02 -16.37
N LYS A 227 22.41 13.25 -15.94
CA LYS A 227 21.93 13.48 -14.59
C LYS A 227 20.49 13.04 -14.38
N TRP A 228 19.76 12.70 -15.44
CA TRP A 228 18.40 12.18 -15.33
C TRP A 228 18.34 10.67 -15.52
N MET A 229 19.45 10.03 -15.86
CA MET A 229 19.46 8.63 -16.25
C MET A 229 19.68 7.70 -15.07
N ALA A 230 18.98 6.56 -15.09
CA ALA A 230 19.19 5.52 -14.11
C ALA A 230 20.60 4.94 -14.26
N PRO A 231 21.16 4.39 -13.17
CA PRO A 231 22.50 3.79 -13.27
C PRO A 231 22.59 2.70 -14.33
N GLU A 232 21.56 1.85 -14.45
CA GLU A 232 21.62 0.77 -15.44
C GLU A 232 21.61 1.31 -16.86
N SER A 233 21.07 2.52 -17.06
CA SER A 233 21.12 3.14 -18.37
C SER A 233 22.50 3.70 -18.66
N ILE A 234 23.15 4.30 -17.66
CA ILE A 234 24.48 4.87 -17.86
C ILE A 234 25.50 3.76 -18.09
N PHE A 235 25.48 2.74 -17.24
CA PHE A 235 26.54 1.74 -17.21
C PHE A 235 26.30 0.58 -18.18
N ASN A 236 25.05 0.25 -18.48
CA ASN A 236 24.75 -0.89 -19.34
C ASN A 236 23.92 -0.53 -20.56
N SER A 237 23.53 0.74 -20.73
CA SER A 237 22.81 1.21 -21.91
C SER A 237 21.49 0.47 -22.10
N VAL A 238 20.80 0.19 -20.99
CA VAL A 238 19.49 -0.44 -21.02
C VAL A 238 18.45 0.56 -20.57
N TYR A 239 17.28 0.53 -21.21
CA TYR A 239 16.18 1.44 -20.90
C TYR A 239 14.92 0.62 -20.72
N THR A 240 14.25 0.83 -19.58
CA THR A 240 13.08 0.04 -19.21
C THR A 240 12.01 0.96 -18.63
N PHE A 241 10.88 0.35 -18.24
CA PHE A 241 9.86 1.07 -17.49
C PHE A 241 10.44 1.64 -16.21
N GLU A 242 11.35 0.91 -15.58
CA GLU A 242 11.91 1.33 -14.29
C GLU A 242 12.90 2.49 -14.44
N SER A 243 13.66 2.53 -15.54
CA SER A 243 14.55 3.66 -15.77
C SER A 243 13.78 4.94 -16.00
N ASP A 244 12.59 4.85 -16.61
CA ASP A 244 11.71 6.00 -16.70
C ASP A 244 11.30 6.47 -15.32
N VAL A 245 11.06 5.53 -14.40
CA VAL A 245 10.67 5.90 -13.04
C VAL A 245 11.80 6.63 -12.33
N TRP A 246 13.05 6.21 -12.57
CA TRP A 246 14.19 6.93 -12.02
C TRP A 246 14.20 8.37 -12.50
N SER A 247 13.97 8.59 -13.80
CA SER A 247 13.96 9.94 -14.34
C SER A 247 12.80 10.75 -13.77
N TYR A 248 11.66 10.11 -13.53
CA TYR A 248 10.54 10.79 -12.89
C TYR A 248 10.93 11.29 -11.50
N GLY A 249 11.74 10.52 -10.78
CA GLY A 249 12.22 10.98 -9.49
C GLY A 249 13.08 12.23 -9.60
N ILE A 250 13.95 12.29 -10.61
CA ILE A 250 14.75 13.49 -10.84
C ILE A 250 13.84 14.66 -11.20
N PHE A 251 12.80 14.39 -11.99
CA PHE A 251 11.83 15.43 -12.33
C PHE A 251 11.19 16.02 -11.08
N LEU A 252 10.82 15.16 -10.13
CA LEU A 252 10.21 15.65 -8.88
C LEU A 252 11.15 16.57 -8.14
N TRP A 253 12.46 16.29 -8.20
CA TRP A 253 13.43 17.17 -7.54
C TRP A 253 13.51 18.52 -8.25
N GLU A 254 13.50 18.52 -9.59
CA GLU A 254 13.43 19.78 -10.32
C GLU A 254 12.20 20.57 -9.93
N LEU A 255 11.06 19.89 -9.81
CA LEU A 255 9.79 20.57 -9.59
C LEU A 255 9.75 21.24 -8.21
N PHE A 256 10.06 20.47 -7.16
CA PHE A 256 9.95 20.98 -5.80
C PHE A 256 11.16 21.82 -5.37
N SER A 257 12.15 21.99 -6.24
CA SER A 257 13.20 22.99 -6.04
C SER A 257 13.02 24.20 -6.94
N LEU A 258 11.86 24.30 -7.60
CA LEU A 258 11.53 25.42 -8.49
C LEU A 258 12.54 25.55 -9.63
N GLY A 259 12.95 24.42 -10.20
CA GLY A 259 13.72 24.43 -11.42
C GLY A 259 15.23 24.45 -11.26
N SER A 260 15.77 24.01 -10.13
CA SER A 260 17.21 23.95 -9.98
C SER A 260 17.79 22.80 -10.78
N SER A 261 19.02 22.98 -11.24
CA SER A 261 19.71 21.89 -11.93
C SER A 261 20.02 20.78 -10.94
N PRO A 262 19.79 19.52 -11.30
CA PRO A 262 20.05 18.42 -10.38
C PRO A 262 21.54 18.25 -10.11
N TYR A 263 21.83 17.66 -8.96
CA TYR A 263 23.20 17.47 -8.47
C TYR A 263 24.00 18.77 -8.58
N PRO A 264 23.58 19.83 -7.88
CA PRO A 264 24.22 21.14 -8.07
C PRO A 264 25.67 21.11 -7.61
N GLY A 265 26.52 21.80 -8.37
CA GLY A 265 27.94 21.82 -8.07
C GLY A 265 28.69 20.55 -8.40
N MET A 266 28.04 19.57 -9.01
CA MET A 266 28.67 18.30 -9.37
C MET A 266 28.78 18.20 -10.89
N PRO A 267 29.97 18.34 -11.46
CA PRO A 267 30.11 18.12 -12.91
C PRO A 267 29.96 16.65 -13.25
N VAL A 268 29.50 16.38 -14.47
CA VAL A 268 29.45 15.01 -14.96
C VAL A 268 30.87 14.56 -15.28
N ASP A 269 31.47 13.79 -14.37
CA ASP A 269 32.84 13.32 -14.53
C ASP A 269 33.00 12.01 -13.79
N SER A 270 34.26 11.60 -13.60
CA SER A 270 34.54 10.31 -12.96
C SER A 270 33.96 10.24 -11.55
N LYS A 271 34.07 11.34 -10.79
CA LYS A 271 33.54 11.34 -9.43
C LYS A 271 32.02 11.24 -9.40
N PHE A 272 31.35 11.80 -10.40
CA PHE A 272 29.88 11.71 -10.44
C PHE A 272 29.42 10.28 -10.61
N TYR A 273 29.97 9.57 -11.60
CA TYR A 273 29.58 8.18 -11.83
C TYR A 273 29.90 7.31 -10.61
N LYS A 274 31.05 7.55 -9.99
CA LYS A 274 31.44 6.77 -8.81
C LYS A 274 30.46 6.98 -7.67
N MET A 275 30.05 8.23 -7.43
CA MET A 275 29.16 8.51 -6.31
C MET A 275 27.76 7.94 -6.56
N ILE A 276 27.25 8.08 -7.78
CA ILE A 276 25.93 7.54 -8.10
C ILE A 276 25.92 6.02 -7.90
N LYS A 277 26.97 5.34 -8.37
CA LYS A 277 27.02 3.89 -8.25
C LYS A 277 27.11 3.46 -6.79
N GLU A 278 27.84 4.22 -5.97
CA GLU A 278 28.01 3.89 -4.56
C GLU A 278 26.77 4.20 -3.73
N GLY A 279 25.76 4.85 -4.30
CA GLY A 279 24.51 5.10 -3.61
C GLY A 279 24.24 6.54 -3.23
N PHE A 280 25.06 7.49 -3.68
CA PHE A 280 24.81 8.89 -3.39
C PHE A 280 23.51 9.35 -4.05
N ARG A 281 22.68 10.04 -3.29
CA ARG A 281 21.42 10.57 -3.78
C ARG A 281 21.27 12.01 -3.30
N MET A 282 20.46 12.78 -4.04
CA MET A 282 20.16 14.14 -3.65
C MET A 282 19.31 14.16 -2.38
N SER A 283 19.44 15.23 -1.61
CA SER A 283 18.62 15.40 -0.41
C SER A 283 17.30 16.07 -0.78
N SER A 284 16.45 16.27 0.22
CA SER A 284 15.10 16.74 -0.05
C SER A 284 15.12 18.19 -0.53
N PRO A 285 14.35 18.52 -1.57
CA PRO A 285 14.24 19.92 -1.99
C PRO A 285 13.59 20.77 -0.91
N GLU A 286 13.72 22.09 -1.06
CA GLU A 286 13.28 23.01 -0.01
C GLU A 286 11.76 22.96 0.17
N TYR A 287 11.01 22.82 -0.93
CA TYR A 287 9.56 22.91 -0.88
C TYR A 287 8.87 21.56 -1.05
N ALA A 288 9.62 20.47 -0.89
CA ALA A 288 9.07 19.14 -1.14
C ALA A 288 8.39 18.61 0.12
N PRO A 289 7.10 18.25 0.07
CA PRO A 289 6.48 17.53 1.19
C PRO A 289 7.24 16.25 1.51
N ALA A 290 7.05 15.78 2.75
CA ALA A 290 7.72 14.55 3.18
C ALA A 290 7.25 13.35 2.37
N GLU A 291 5.95 13.27 2.08
CA GLU A 291 5.44 12.13 1.33
C GLU A 291 5.92 12.14 -0.12
N MET A 292 6.21 13.31 -0.66
CA MET A 292 6.73 13.39 -2.02
C MET A 292 8.20 13.03 -2.08
N TYR A 293 8.97 13.42 -1.06
CA TYR A 293 10.37 13.02 -1.02
C TYR A 293 10.52 11.52 -0.84
N ASP A 294 9.60 10.89 -0.10
CA ASP A 294 9.60 9.43 0.00
C ASP A 294 9.46 8.78 -1.37
N ILE A 295 8.75 9.41 -2.29
CA ILE A 295 8.60 8.86 -3.63
C ILE A 295 9.91 8.96 -4.40
N MET A 296 10.57 10.12 -4.34
CA MET A 296 11.85 10.29 -5.01
C MET A 296 12.84 9.21 -4.58
N LYS A 297 12.91 8.93 -3.27
CA LYS A 297 13.86 7.94 -2.78
C LYS A 297 13.57 6.56 -3.34
N THR A 298 12.28 6.20 -3.45
CA THR A 298 11.93 4.91 -4.02
C THR A 298 12.21 4.87 -5.53
N CYS A 299 12.05 5.99 -6.22
CA CYS A 299 12.39 6.04 -7.64
C CYS A 299 13.89 5.89 -7.86
N TRP A 300 14.70 6.33 -6.91
CA TRP A 300 16.15 6.30 -7.02
C TRP A 300 16.77 5.04 -6.42
N ASP A 301 15.98 3.97 -6.27
CA ASP A 301 16.52 2.74 -5.72
C ASP A 301 17.46 2.09 -6.72
N ALA A 302 18.63 1.67 -6.24
CA ALA A 302 19.61 1.03 -7.12
C ALA A 302 19.05 -0.25 -7.73
N ASP A 303 18.15 -0.92 -7.03
CA ASP A 303 17.48 -2.11 -7.55
C ASP A 303 16.26 -1.68 -8.34
N PRO A 304 16.23 -1.87 -9.66
CA PRO A 304 15.06 -1.43 -10.44
C PRO A 304 13.77 -2.12 -10.03
N ASP A 305 13.83 -3.38 -9.60
CA ASP A 305 12.63 -4.10 -9.21
C ASP A 305 12.02 -3.54 -7.92
N LYS A 306 12.81 -2.84 -7.10
CA LYS A 306 12.27 -2.23 -5.89
C LYS A 306 11.62 -0.88 -6.18
N ARG A 307 11.91 -0.28 -7.32
CA ARG A 307 11.30 0.99 -7.67
C ARG A 307 9.80 0.84 -7.88
N PRO A 308 9.02 1.86 -7.55
CA PRO A 308 7.57 1.78 -7.78
C PRO A 308 7.24 1.91 -9.26
N THR A 309 6.06 1.44 -9.61
CA THR A 309 5.52 1.65 -10.94
C THR A 309 4.78 2.98 -10.98
N PHE A 310 4.58 3.48 -12.21
CA PHE A 310 3.80 4.70 -12.35
C PHE A 310 2.36 4.50 -11.87
N LYS A 311 1.82 3.29 -12.05
CA LYS A 311 0.49 2.99 -11.53
C LYS A 311 0.47 3.01 -10.01
N GLN A 312 1.60 2.71 -9.37
CA GLN A 312 1.68 2.85 -7.92
C GLN A 312 1.87 4.31 -7.52
N ILE A 313 2.60 5.07 -8.34
CA ILE A 313 2.87 6.46 -8.02
C ILE A 313 1.59 7.30 -8.09
N VAL A 314 0.75 7.05 -9.11
CA VAL A 314 -0.43 7.89 -9.31
C VAL A 314 -1.36 7.80 -8.10
N GLN A 315 -1.62 6.58 -7.62
CA GLN A 315 -2.52 6.43 -6.49
C GLN A 315 -1.88 6.84 -5.17
N ASP A 316 -0.55 6.85 -5.09
CA ASP A 316 0.12 7.42 -3.92
C ASP A 316 -0.09 8.93 -3.87
N ILE A 317 0.09 9.61 -5.00
CA ILE A 317 -0.13 11.05 -5.05
C ILE A 317 -1.63 11.35 -4.97
N GLU A 318 -2.48 10.42 -5.39
CA GLU A 318 -3.92 10.63 -5.25
C GLU A 318 -4.33 10.74 -3.79
N LYS A 319 -3.76 9.88 -2.94
CA LYS A 319 -4.07 9.94 -1.51
C LYS A 319 -3.53 11.21 -0.88
N GLN A 320 -2.41 11.73 -1.38
CA GLN A 320 -1.88 12.99 -0.87
C GLN A 320 -2.80 14.15 -1.20
N ILE A 321 -3.24 14.24 -2.46
CA ILE A 321 -4.16 15.31 -2.86
C ILE A 321 -5.48 15.19 -2.11
N SER A 322 -5.97 13.95 -1.93
CA SER A 322 -7.24 13.76 -1.25
C SER A 322 -7.18 14.24 0.19
N GLU A 323 -6.08 13.94 0.89
CA GLU A 323 -5.89 14.38 2.28
C GLU A 323 -5.20 15.75 2.31
N SER A 324 -5.88 16.73 1.73
CA SER A 324 -5.35 18.09 1.67
C SER A 324 -6.02 18.99 2.72
N GLY B 18 19.96 9.63 24.88
CA GLY B 18 19.79 8.57 23.90
C GLY B 18 19.61 7.20 24.54
N ASN B 19 20.70 6.68 25.11
CA ASN B 19 20.67 5.38 25.78
C ASN B 19 20.01 5.44 27.16
N ASN B 20 19.60 6.62 27.61
CA ASN B 20 18.86 6.78 28.86
C ASN B 20 17.36 6.60 28.67
N TYR B 21 16.91 6.35 27.45
CA TYR B 21 15.50 6.16 27.13
C TYR B 21 15.30 4.74 26.64
N SER B 22 14.35 4.02 27.25
CA SER B 22 14.10 2.63 26.88
C SER B 22 12.61 2.35 26.93
N TYR B 23 12.21 1.29 26.24
CA TYR B 23 10.83 0.83 26.31
C TYR B 23 10.57 0.17 27.66
N ILE B 24 9.40 0.43 28.23
CA ILE B 24 8.98 -0.20 29.46
C ILE B 24 8.34 -1.54 29.10
N ASP B 25 9.00 -2.63 29.48
CA ASP B 25 8.53 -3.98 29.20
C ASP B 25 7.52 -4.37 30.28
N PRO B 26 6.25 -4.57 29.92
CA PRO B 26 5.25 -4.91 30.94
C PRO B 26 5.54 -6.22 31.67
N THR B 27 6.28 -7.14 31.05
CA THR B 27 6.60 -8.40 31.73
C THR B 27 7.66 -8.21 32.80
N GLN B 28 8.40 -7.11 32.78
CA GLN B 28 9.40 -6.81 33.80
C GLN B 28 8.84 -6.01 34.96
N LEU B 29 7.65 -5.41 34.82
CA LEU B 29 7.07 -4.65 35.90
C LEU B 29 6.65 -5.56 37.05
N PRO B 30 6.64 -5.05 38.28
CA PRO B 30 6.21 -5.87 39.41
C PRO B 30 4.71 -6.13 39.37
N TYR B 31 4.33 -7.29 39.90
CA TYR B 31 2.91 -7.60 40.06
C TYR B 31 2.25 -6.61 41.00
N ASP B 32 1.16 -6.01 40.56
CA ASP B 32 0.44 -5.01 41.34
C ASP B 32 -0.59 -5.72 42.22
N HIS B 33 -0.42 -5.61 43.53
CA HIS B 33 -1.28 -6.36 44.46
C HIS B 33 -2.69 -5.82 44.56
N LYS B 34 -3.03 -4.75 43.83
CA LYS B 34 -4.42 -4.33 43.74
C LYS B 34 -5.29 -5.42 43.12
N TRP B 35 -4.69 -6.33 42.34
CA TRP B 35 -5.41 -7.43 41.72
C TRP B 35 -5.63 -8.62 42.66
N GLU B 36 -4.97 -8.64 43.81
CA GLU B 36 -4.96 -9.84 44.65
C GLU B 36 -6.37 -10.14 45.17
N PHE B 37 -6.77 -11.41 45.02
CA PHE B 37 -8.07 -11.91 45.45
C PHE B 37 -7.88 -13.17 46.28
N PRO B 38 -8.56 -13.28 47.42
CA PRO B 38 -8.43 -14.48 48.25
C PRO B 38 -8.94 -15.71 47.51
N ARG B 39 -8.09 -16.74 47.43
CA ARG B 39 -8.42 -17.93 46.67
C ARG B 39 -9.43 -18.83 47.37
N ASN B 40 -9.71 -18.62 48.66
CA ASN B 40 -10.78 -19.34 49.32
C ASN B 40 -12.15 -18.75 49.02
N ARG B 41 -12.20 -17.65 48.27
CA ARG B 41 -13.45 -17.08 47.79
C ARG B 41 -13.75 -17.47 46.34
N LEU B 42 -12.94 -18.37 45.78
CA LEU B 42 -13.15 -18.92 44.45
C LEU B 42 -13.61 -20.37 44.56
N SER B 43 -14.72 -20.70 43.90
CA SER B 43 -15.22 -22.06 43.83
C SER B 43 -15.23 -22.48 42.37
N PHE B 44 -14.40 -23.46 42.03
CA PHE B 44 -14.26 -23.88 40.64
C PHE B 44 -15.50 -24.63 40.18
N GLY B 45 -15.86 -24.42 38.91
CA GLY B 45 -16.96 -25.15 38.30
C GLY B 45 -16.48 -26.04 37.17
N LYS B 46 -17.08 -25.87 35.98
CA LYS B 46 -16.77 -26.72 34.86
C LYS B 46 -15.47 -26.27 34.18
N THR B 47 -14.75 -27.25 33.63
CA THR B 47 -13.53 -26.97 32.87
C THR B 47 -13.90 -26.46 31.49
N LEU B 48 -13.39 -25.28 31.13
CA LEU B 48 -13.69 -24.68 29.83
C LEU B 48 -12.68 -25.08 28.75
N GLY B 49 -11.49 -25.51 29.14
CA GLY B 49 -10.46 -25.93 28.22
C GLY B 49 -9.24 -26.40 28.98
N ALA B 50 -8.50 -27.36 28.44
CA ALA B 50 -7.38 -27.93 29.18
C ALA B 50 -6.35 -28.50 28.22
N GLY B 51 -5.08 -28.17 28.46
CA GLY B 51 -3.97 -28.82 27.82
C GLY B 51 -3.22 -29.73 28.78
N ALA B 52 -1.99 -30.06 28.40
CA ALA B 52 -1.17 -30.92 29.25
C ALA B 52 -0.59 -30.18 30.44
N PHE B 53 -0.42 -28.85 30.36
CA PHE B 53 0.18 -28.07 31.42
C PHE B 53 -0.74 -27.04 32.06
N GLY B 54 -1.83 -26.66 31.40
CA GLY B 54 -2.72 -25.64 31.94
C GLY B 54 -4.16 -25.93 31.59
N LYS B 55 -5.04 -25.13 32.19
CA LYS B 55 -6.48 -25.28 31.98
C LYS B 55 -7.19 -24.01 32.39
N VAL B 56 -8.38 -23.82 31.83
CA VAL B 56 -9.26 -22.70 32.17
CA VAL B 56 -9.26 -22.71 32.18
C VAL B 56 -10.56 -23.29 32.69
N VAL B 57 -11.03 -22.78 33.82
CA VAL B 57 -12.27 -23.26 34.42
C VAL B 57 -13.21 -22.09 34.62
N GLU B 58 -14.50 -22.41 34.59
CA GLU B 58 -15.52 -21.49 35.09
C GLU B 58 -15.53 -21.54 36.60
N ALA B 59 -15.69 -20.39 37.24
CA ALA B 59 -15.66 -20.33 38.68
C ALA B 59 -16.57 -19.21 39.17
N THR B 60 -16.88 -19.27 40.46
CA THR B 60 -17.63 -18.21 41.13
C THR B 60 -16.69 -17.48 42.07
N ALA B 61 -16.69 -16.15 41.97
CA ALA B 61 -15.82 -15.29 42.76
C ALA B 61 -16.70 -14.48 43.71
N GLN B 62 -16.71 -14.88 44.98
CA GLN B 62 -17.58 -14.25 45.98
C GLN B 62 -16.94 -12.95 46.46
N GLY B 63 -17.62 -11.84 46.22
CA GLY B 63 -17.17 -10.55 46.70
C GLY B 63 -16.24 -9.80 45.78
N LEU B 64 -16.18 -10.16 44.50
CA LEU B 64 -15.29 -9.48 43.57
C LEU B 64 -15.88 -8.14 43.12
N ILE B 65 -17.07 -8.16 42.53
CA ILE B 65 -17.71 -6.92 42.11
C ILE B 65 -18.34 -6.19 43.29
N LYS B 66 -18.93 -6.93 44.22
CA LYS B 66 -19.50 -6.37 45.43
C LYS B 66 -19.61 -7.48 46.47
N SER B 67 -19.63 -7.08 47.74
CA SER B 67 -19.60 -8.05 48.83
C SER B 67 -20.85 -8.93 48.85
N ASP B 68 -21.97 -8.43 48.34
CA ASP B 68 -23.24 -9.13 48.48
C ASP B 68 -23.37 -10.29 47.50
N ALA B 69 -23.15 -10.04 46.20
CA ALA B 69 -23.40 -11.01 45.16
C ALA B 69 -22.09 -11.60 44.64
N ALA B 70 -22.22 -12.73 43.95
CA ALA B 70 -21.09 -13.48 43.44
C ALA B 70 -21.14 -13.51 41.91
N MET B 71 -20.02 -13.21 41.28
CA MET B 71 -19.92 -13.11 39.83
C MET B 71 -19.28 -14.36 39.25
N THR B 72 -19.81 -14.83 38.12
CA THR B 72 -19.20 -15.92 37.38
C THR B 72 -18.00 -15.39 36.61
N VAL B 73 -16.85 -16.05 36.79
CA VAL B 73 -15.60 -15.61 36.18
C VAL B 73 -14.93 -16.81 35.53
N ALA B 74 -13.84 -16.53 34.82
CA ALA B 74 -12.96 -17.55 34.28
C ALA B 74 -11.62 -17.48 35.00
N VAL B 75 -11.04 -18.63 35.30
CA VAL B 75 -9.77 -18.72 36.01
C VAL B 75 -8.82 -19.56 35.17
N LYS B 76 -7.71 -18.95 34.74
CA LYS B 76 -6.64 -19.66 34.05
C LYS B 76 -5.59 -20.08 35.07
N MET B 77 -5.08 -21.30 34.91
CA MET B 77 -4.19 -21.88 35.89
C MET B 77 -3.36 -22.96 35.22
N LEU B 78 -2.30 -23.37 35.91
CA LEU B 78 -1.45 -24.46 35.45
C LEU B 78 -1.78 -25.74 36.22
N LYS B 79 -1.42 -26.86 35.62
CA LYS B 79 -1.59 -28.17 36.23
C LYS B 79 -0.40 -28.50 37.12
N PRO B 80 -0.54 -29.47 38.03
CA PRO B 80 0.59 -29.81 38.91
C PRO B 80 1.85 -30.24 38.17
N SER B 81 1.72 -30.68 36.92
CA SER B 81 2.88 -31.13 36.14
C SER B 81 3.65 -29.97 35.52
N ALA B 82 3.19 -28.73 35.69
CA ALA B 82 3.82 -27.59 35.04
C ALA B 82 5.23 -27.36 35.56
N HIS B 83 6.13 -26.98 34.64
CA HIS B 83 7.52 -26.73 34.96
C HIS B 83 7.73 -25.29 35.39
N SER B 84 8.99 -24.94 35.68
CA SER B 84 9.29 -23.60 36.16
C SER B 84 9.14 -22.55 35.06
N THR B 85 9.44 -22.92 33.81
CA THR B 85 9.29 -21.96 32.72
C THR B 85 7.83 -21.71 32.38
N GLU B 86 6.96 -22.70 32.58
CA GLU B 86 5.54 -22.47 32.40
C GLU B 86 4.98 -21.57 33.49
N ARG B 87 5.49 -21.69 34.71
CA ARG B 87 5.03 -20.83 35.79
C ARG B 87 5.42 -19.38 35.55
N GLU B 88 6.61 -19.16 34.99
CA GLU B 88 6.99 -17.80 34.60
C GLU B 88 6.15 -17.32 33.43
N ALA B 89 5.76 -18.22 32.52
CA ALA B 89 4.97 -17.83 31.38
C ALA B 89 3.58 -17.35 31.79
N LEU B 90 2.99 -18.00 32.80
CA LEU B 90 1.69 -17.55 33.28
C LEU B 90 1.79 -16.20 33.97
N MET B 91 2.86 -15.98 34.73
N MET B 91 2.86 -15.98 34.73
CA MET B 91 3.05 -14.71 35.41
CA MET B 91 3.05 -14.69 35.40
C MET B 91 3.27 -13.58 34.40
C MET B 91 3.24 -13.58 34.39
N SER B 92 3.96 -13.87 33.30
CA SER B 92 4.17 -12.86 32.27
C SER B 92 2.86 -12.48 31.60
N GLU B 93 2.00 -13.47 31.33
CA GLU B 93 0.69 -13.17 30.76
C GLU B 93 -0.14 -12.34 31.72
N LEU B 94 -0.06 -12.64 33.02
CA LEU B 94 -0.78 -11.85 34.02
C LEU B 94 -0.33 -10.40 34.01
N LYS B 95 0.99 -10.17 33.92
CA LYS B 95 1.51 -8.81 33.92
C LYS B 95 1.11 -8.06 32.66
N VAL B 96 1.05 -8.75 31.52
CA VAL B 96 0.61 -8.11 30.28
C VAL B 96 -0.84 -7.67 30.39
N LEU B 97 -1.71 -8.57 30.86
CA LEU B 97 -3.11 -8.21 31.06
C LEU B 97 -3.26 -7.09 32.07
N SER B 98 -2.38 -7.04 33.08
CA SER B 98 -2.43 -5.93 34.04
CA SER B 98 -2.43 -5.94 34.05
C SER B 98 -2.06 -4.62 33.38
N TYR B 99 -1.04 -4.64 32.52
CA TYR B 99 -0.58 -3.41 31.86
C TYR B 99 -1.55 -2.92 30.80
N LEU B 100 -2.28 -3.85 30.15
CA LEU B 100 -3.15 -3.47 29.04
C LEU B 100 -4.23 -2.50 29.48
N GLY B 101 -4.91 -2.82 30.58
CA GLY B 101 -6.09 -2.07 30.97
C GLY B 101 -7.35 -2.68 30.38
N ASN B 102 -8.47 -2.05 30.72
CA ASN B 102 -9.76 -2.57 30.31
C ASN B 102 -10.12 -2.13 28.90
N HIS B 103 -10.67 -3.07 28.12
CA HIS B 103 -11.20 -2.78 26.79
C HIS B 103 -12.36 -3.72 26.53
N GLU B 104 -13.37 -3.21 25.83
CA GLU B 104 -14.60 -3.97 25.63
C GLU B 104 -14.36 -5.23 24.81
N ASN B 105 -13.35 -5.23 23.94
CA ASN B 105 -13.14 -6.31 22.99
C ASN B 105 -11.95 -7.19 23.34
N ILE B 106 -11.52 -7.19 24.61
CA ILE B 106 -10.57 -8.17 25.10
C ILE B 106 -11.17 -8.81 26.35
N VAL B 107 -10.78 -10.06 26.60
CA VAL B 107 -11.16 -10.72 27.85
C VAL B 107 -10.35 -10.10 28.97
N ASN B 108 -11.00 -9.27 29.79
CA ASN B 108 -10.29 -8.41 30.72
C ASN B 108 -9.89 -9.15 31.98
N LEU B 109 -8.74 -8.75 32.52
CA LEU B 109 -8.30 -9.24 33.82
C LEU B 109 -9.18 -8.65 34.91
N LEU B 110 -9.59 -9.50 35.85
CA LEU B 110 -10.39 -9.08 37.00
C LEU B 110 -9.67 -9.24 38.33
N GLY B 111 -8.70 -10.15 38.43
CA GLY B 111 -8.03 -10.38 39.68
C GLY B 111 -7.05 -11.53 39.54
N ALA B 112 -6.36 -11.83 40.64
CA ALA B 112 -5.35 -12.88 40.61
C ALA B 112 -5.10 -13.38 42.01
N CYS B 113 -4.70 -14.65 42.10
CA CYS B 113 -4.24 -15.27 43.34
C CYS B 113 -2.79 -15.65 43.14
N THR B 114 -1.88 -14.99 43.86
CA THR B 114 -0.46 -15.18 43.64
C THR B 114 0.29 -15.77 44.83
N HIS B 115 -0.01 -15.32 46.06
CA HIS B 115 0.62 -15.89 47.24
C HIS B 115 -0.33 -16.84 47.94
N GLY B 116 0.25 -17.89 48.53
CA GLY B 116 -0.54 -18.93 49.15
C GLY B 116 -0.83 -20.12 48.26
N GLY B 117 -0.12 -20.26 47.15
CA GLY B 117 -0.33 -21.35 46.24
C GLY B 117 -0.03 -20.97 44.80
N PRO B 118 -0.36 -21.85 43.87
CA PRO B 118 -0.06 -21.58 42.45
C PRO B 118 -0.85 -20.40 41.93
N THR B 119 -0.30 -19.77 40.90
CA THR B 119 -0.87 -18.55 40.35
C THR B 119 -2.21 -18.84 39.67
N LEU B 120 -3.23 -18.07 40.04
CA LEU B 120 -4.54 -18.12 39.40
C LEU B 120 -4.83 -16.77 38.76
N VAL B 121 -5.23 -16.78 37.49
CA VAL B 121 -5.52 -15.57 36.73
C VAL B 121 -7.02 -15.51 36.49
N ILE B 122 -7.68 -14.53 37.11
CA ILE B 122 -9.13 -14.39 37.06
C ILE B 122 -9.49 -13.36 36.00
N THR B 123 -10.32 -13.76 35.03
CA THR B 123 -10.73 -12.88 33.94
C THR B 123 -12.24 -12.97 33.74
N GLU B 124 -12.73 -12.17 32.80
CA GLU B 124 -14.15 -12.16 32.45
C GLU B 124 -14.58 -13.52 31.90
N TYR B 125 -15.85 -13.85 32.08
CA TYR B 125 -16.45 -15.04 31.54
C TYR B 125 -17.35 -14.68 30.36
N CYS B 126 -17.24 -15.44 29.29
CA CYS B 126 -18.01 -15.22 28.06
C CYS B 126 -18.82 -16.47 27.76
N CYS B 127 -20.14 -16.39 27.99
CA CYS B 127 -20.96 -17.60 28.08
C CYS B 127 -21.02 -18.38 26.77
N TYR B 128 -20.87 -17.72 25.63
CA TYR B 128 -21.00 -18.44 24.36
C TYR B 128 -19.74 -19.21 23.98
N GLY B 129 -18.61 -18.95 24.63
CA GLY B 129 -17.39 -19.65 24.28
C GLY B 129 -16.74 -19.10 23.02
N ASP B 130 -15.89 -19.93 22.42
CA ASP B 130 -15.09 -19.49 21.29
C ASP B 130 -15.97 -19.28 20.05
N LEU B 131 -15.57 -18.29 19.25
CA LEU B 131 -16.36 -17.91 18.09
C LEU B 131 -16.38 -19.00 17.03
N LEU B 132 -15.29 -19.77 16.91
CA LEU B 132 -15.23 -20.82 15.90
C LEU B 132 -16.33 -21.86 16.14
N ASN B 133 -16.45 -22.36 17.38
CA ASN B 133 -17.51 -23.30 17.69
C ASN B 133 -18.88 -22.65 17.54
N PHE B 134 -19.01 -21.38 17.91
CA PHE B 134 -20.28 -20.68 17.78
C PHE B 134 -20.71 -20.60 16.32
N LEU B 135 -19.78 -20.27 15.43
CA LEU B 135 -20.09 -20.19 14.01
C LEU B 135 -20.50 -21.54 13.46
N ARG B 136 -19.82 -22.61 13.87
CA ARG B 136 -20.11 -23.93 13.33
C ARG B 136 -21.45 -24.47 13.80
N ARG B 137 -21.87 -24.11 15.02
CA ARG B 137 -23.18 -24.51 15.51
C ARG B 137 -24.31 -23.71 14.86
N LYS B 138 -24.06 -22.45 14.52
CA LYS B 138 -25.06 -21.59 13.88
C LYS B 138 -25.01 -21.65 12.36
N ARG B 139 -24.17 -22.51 11.78
CA ARG B 139 -24.01 -22.53 10.34
C ARG B 139 -25.30 -22.90 9.63
N ASP B 140 -26.06 -23.85 10.17
CA ASP B 140 -27.27 -24.29 9.52
C ASP B 140 -28.40 -23.26 9.63
N GLU B 141 -28.37 -22.43 10.66
CA GLU B 141 -29.40 -21.43 10.88
C GLU B 141 -29.07 -20.08 10.28
N PHE B 142 -27.92 -19.93 9.64
CA PHE B 142 -27.49 -18.65 9.12
C PHE B 142 -28.33 -18.23 7.92
N VAL B 143 -28.75 -16.97 7.92
CA VAL B 143 -29.38 -16.34 6.76
C VAL B 143 -28.75 -14.96 6.57
N PRO B 144 -28.31 -14.61 5.35
CA PRO B 144 -27.62 -13.31 5.18
C PRO B 144 -28.45 -12.12 5.63
N TYR B 145 -29.74 -12.13 5.35
CA TYR B 145 -30.62 -11.03 5.74
C TYR B 145 -31.81 -11.58 6.50
N LYS B 146 -32.27 -10.83 7.50
CA LYS B 146 -33.43 -11.23 8.28
C LYS B 146 -34.70 -10.58 7.73
N ASP B 155 -33.16 -16.02 16.93
CA ASP B 155 -31.74 -15.75 17.07
C ASP B 155 -30.94 -16.42 15.96
N PHE B 156 -31.16 -15.96 14.72
CA PHE B 156 -30.41 -16.47 13.58
C PHE B 156 -29.23 -15.55 13.30
N LEU B 157 -28.14 -16.15 12.82
CA LEU B 157 -26.96 -15.39 12.44
C LEU B 157 -27.18 -14.73 11.09
N THR B 158 -26.75 -13.47 10.97
CA THR B 158 -26.93 -12.69 9.76
C THR B 158 -25.62 -12.04 9.34
N LEU B 159 -25.63 -11.44 8.15
CA LEU B 159 -24.47 -10.69 7.68
C LEU B 159 -24.15 -9.54 8.61
N GLU B 160 -25.18 -8.90 9.18
CA GLU B 160 -24.95 -7.79 10.11
C GLU B 160 -24.10 -8.23 11.30
N HIS B 161 -24.35 -9.44 11.81
CA HIS B 161 -23.56 -9.95 12.92
C HIS B 161 -22.12 -10.19 12.50
N LEU B 162 -21.91 -10.75 11.31
CA LEU B 162 -20.55 -11.04 10.84
C LEU B 162 -19.75 -9.76 10.67
N LEU B 163 -20.37 -8.71 10.11
CA LEU B 163 -19.69 -7.42 10.02
C LEU B 163 -19.35 -6.88 11.40
N SER B 164 -20.27 -7.02 12.36
CA SER B 164 -20.03 -6.54 13.71
C SER B 164 -18.86 -7.28 14.36
N PHE B 165 -18.81 -8.61 14.18
CA PHE B 165 -17.74 -9.39 14.76
C PHE B 165 -16.39 -8.97 14.19
N SER B 166 -16.31 -8.76 12.89
CA SER B 166 -15.06 -8.31 12.27
C SER B 166 -14.68 -6.93 12.76
N TYR B 167 -15.67 -6.06 12.99
CA TYR B 167 -15.40 -4.71 13.46
C TYR B 167 -14.87 -4.73 14.89
N GLN B 168 -15.48 -5.54 15.76
CA GLN B 168 -15.08 -5.58 17.16
C GLN B 168 -13.70 -6.21 17.33
N VAL B 169 -13.40 -7.25 16.56
CA VAL B 169 -12.08 -7.86 16.64
C VAL B 169 -11.00 -6.89 16.17
N ALA B 170 -11.30 -6.11 15.13
CA ALA B 170 -10.36 -5.10 14.66
C ALA B 170 -10.14 -4.02 15.72
N LYS B 171 -11.21 -3.61 16.40
CA LYS B 171 -11.06 -2.62 17.47
C LYS B 171 -10.21 -3.17 18.61
N GLY B 172 -10.42 -4.44 18.97
CA GLY B 172 -9.62 -5.04 20.02
C GLY B 172 -8.16 -5.18 19.63
N MET B 173 -7.90 -5.56 18.37
CA MET B 173 -6.52 -5.66 17.91
C MET B 173 -5.88 -4.29 17.76
N ALA B 174 -6.66 -3.27 17.39
CA ALA B 174 -6.12 -1.92 17.36
C ALA B 174 -5.72 -1.46 18.76
N PHE B 175 -6.47 -1.91 19.78
CA PHE B 175 -6.11 -1.58 21.16
C PHE B 175 -4.81 -2.26 21.57
N LEU B 176 -4.64 -3.53 21.20
CA LEU B 176 -3.39 -4.24 21.53
C LEU B 176 -2.20 -3.57 20.87
N ALA B 177 -2.31 -3.23 19.59
CA ALA B 177 -1.20 -2.59 18.89
C ALA B 177 -0.86 -1.24 19.50
N SER B 178 -1.88 -0.50 19.95
CA SER B 178 -1.64 0.78 20.59
C SER B 178 -0.88 0.64 21.89
N LYS B 179 -0.91 -0.54 22.52
CA LYS B 179 -0.14 -0.82 23.73
C LYS B 179 1.15 -1.57 23.43
N ASN B 180 1.57 -1.60 22.15
CA ASN B 180 2.83 -2.23 21.73
C ASN B 180 2.83 -3.73 22.05
N CYS B 181 1.67 -4.38 21.88
CA CYS B 181 1.52 -5.80 22.16
CA CYS B 181 1.53 -5.79 22.16
C CYS B 181 1.16 -6.53 20.88
N ILE B 182 1.85 -7.64 20.63
CA ILE B 182 1.60 -8.51 19.48
C ILE B 182 0.94 -9.78 20.00
N HIS B 183 -0.17 -10.17 19.38
CA HIS B 183 -0.94 -11.30 19.89
C HIS B 183 -0.26 -12.64 19.60
N ARG B 184 0.12 -12.85 18.34
CA ARG B 184 0.87 -13.98 17.76
C ARG B 184 0.01 -15.22 17.53
N ASP B 185 -1.24 -15.26 17.98
CA ASP B 185 -2.11 -16.42 17.75
C ASP B 185 -3.55 -15.96 17.53
N LEU B 186 -3.72 -14.95 16.67
CA LEU B 186 -5.06 -14.47 16.36
C LEU B 186 -5.78 -15.46 15.46
N ALA B 187 -6.95 -15.91 15.89
CA ALA B 187 -7.75 -16.89 15.17
C ALA B 187 -9.12 -16.96 15.83
N ALA B 188 -10.09 -17.51 15.10
CA ALA B 188 -11.46 -17.57 15.61
C ALA B 188 -11.55 -18.41 16.88
N ARG B 189 -10.65 -19.39 17.03
CA ARG B 189 -10.65 -20.21 18.23
C ARG B 189 -10.22 -19.43 19.46
N ASN B 190 -9.52 -18.31 19.29
CA ASN B 190 -9.12 -17.46 20.40
C ASN B 190 -9.97 -16.21 20.54
N ILE B 191 -11.12 -16.17 19.87
CA ILE B 191 -12.10 -15.11 20.02
C ILE B 191 -13.29 -15.69 20.78
N LEU B 192 -13.72 -15.01 21.83
CA LEU B 192 -14.85 -15.44 22.63
C LEU B 192 -16.05 -14.54 22.37
N LEU B 193 -17.24 -15.07 22.65
CA LEU B 193 -18.48 -14.35 22.48
C LEU B 193 -19.24 -14.33 23.80
N THR B 194 -19.68 -13.15 24.21
CA THR B 194 -20.43 -12.99 25.46
C THR B 194 -21.79 -12.37 25.16
N HIS B 195 -22.46 -11.90 26.22
CA HIS B 195 -23.78 -11.32 26.07
C HIS B 195 -23.73 -10.06 25.23
N GLY B 196 -24.81 -9.81 24.50
CA GLY B 196 -24.89 -8.65 23.64
C GLY B 196 -24.12 -8.76 22.35
N ASN B 197 -23.75 -9.98 21.94
CA ASN B 197 -22.98 -10.21 20.72
C ASN B 197 -21.66 -9.42 20.75
N ILE B 198 -21.00 -9.42 21.89
CA ILE B 198 -19.72 -8.75 22.06
C ILE B 198 -18.63 -9.80 21.96
N THR B 199 -17.69 -9.60 21.04
CA THR B 199 -16.55 -10.49 20.89
C THR B 199 -15.37 -9.96 21.69
N LYS B 200 -14.65 -10.87 22.34
CA LYS B 200 -13.52 -10.51 23.18
C LYS B 200 -12.32 -11.37 22.81
N ILE B 201 -11.18 -10.72 22.60
CA ILE B 201 -9.95 -11.40 22.22
C ILE B 201 -9.34 -12.06 23.45
N CYS B 202 -8.85 -13.28 23.27
CA CYS B 202 -8.19 -14.01 24.37
CA CYS B 202 -8.26 -14.07 24.35
C CYS B 202 -7.09 -14.88 23.76
N ASP B 203 -6.54 -15.77 24.59
CA ASP B 203 -5.47 -16.66 24.14
C ASP B 203 -5.44 -17.85 25.09
N PHE B 204 -5.89 -19.02 24.60
CA PHE B 204 -5.91 -20.21 25.45
C PHE B 204 -4.50 -20.65 25.82
N GLY B 205 -3.55 -20.52 24.89
CA GLY B 205 -2.18 -20.88 25.13
C GLY B 205 -1.99 -22.29 25.65
N LEU B 206 -1.50 -22.42 26.88
CA LEU B 206 -1.25 -23.73 27.48
C LEU B 206 -2.54 -24.43 27.89
N ALA B 207 -3.70 -23.77 27.76
CA ALA B 207 -4.98 -24.37 28.10
C ALA B 207 -5.66 -25.00 26.89
N ARG B 208 -4.93 -25.23 25.80
CA ARG B 208 -5.50 -25.88 24.63
C ARG B 208 -4.88 -27.26 24.44
N ALA B 222 6.35 -26.19 21.07
CA ALA B 222 6.75 -25.27 20.00
C ALA B 222 6.02 -25.60 18.70
N ARG B 223 4.82 -26.17 18.81
CA ARG B 223 3.94 -26.34 17.66
C ARG B 223 3.30 -25.01 17.30
N LEU B 224 3.21 -24.74 16.01
CA LEU B 224 2.81 -23.42 15.56
C LEU B 224 1.57 -23.49 14.66
N PRO B 225 0.72 -22.45 14.70
CA PRO B 225 -0.49 -22.40 13.84
C PRO B 225 -0.18 -21.94 12.43
N VAL B 226 0.38 -22.87 11.64
CA VAL B 226 1.02 -22.52 10.38
C VAL B 226 0.05 -21.81 9.44
N LYS B 227 -1.19 -22.30 9.35
CA LYS B 227 -2.14 -21.76 8.39
C LYS B 227 -2.63 -20.36 8.74
N TRP B 228 -2.32 -19.86 9.94
CA TRP B 228 -2.68 -18.50 10.33
C TRP B 228 -1.49 -17.55 10.33
N MET B 229 -0.29 -18.04 10.06
CA MET B 229 0.94 -17.27 10.20
C MET B 229 1.34 -16.62 8.88
N ALA B 230 1.83 -15.38 8.97
CA ALA B 230 2.39 -14.71 7.82
C ALA B 230 3.65 -15.43 7.35
N PRO B 231 3.96 -15.37 6.06
CA PRO B 231 5.15 -16.09 5.56
C PRO B 231 6.44 -15.67 6.22
N GLU B 232 6.60 -14.39 6.59
CA GLU B 232 7.82 -13.97 7.26
C GLU B 232 7.92 -14.58 8.65
N SER B 233 6.78 -14.90 9.28
CA SER B 233 6.82 -15.61 10.55
C SER B 233 7.19 -17.07 10.34
N ILE B 234 6.75 -17.65 9.23
CA ILE B 234 7.05 -19.05 8.94
C ILE B 234 8.51 -19.19 8.52
N PHE B 235 8.95 -18.38 7.56
CA PHE B 235 10.26 -18.54 6.95
C PHE B 235 11.38 -17.88 7.74
N ASN B 236 11.08 -16.88 8.57
CA ASN B 236 12.10 -16.16 9.30
C ASN B 236 11.84 -16.06 10.80
N SER B 237 10.74 -16.64 11.30
CA SER B 237 10.44 -16.68 12.73
C SER B 237 10.36 -15.28 13.35
N VAL B 238 9.93 -14.30 12.57
CA VAL B 238 9.75 -12.94 13.05
C VAL B 238 8.28 -12.68 13.30
N TYR B 239 7.97 -11.97 14.37
CA TYR B 239 6.60 -11.62 14.72
C TYR B 239 6.53 -10.11 14.92
N THR B 240 5.62 -9.47 14.18
CA THR B 240 5.50 -8.02 14.18
C THR B 240 4.03 -7.65 14.27
N PHE B 241 3.77 -6.33 14.33
CA PHE B 241 2.39 -5.86 14.23
C PHE B 241 1.78 -6.22 12.89
N GLU B 242 2.60 -6.32 11.84
CA GLU B 242 2.12 -6.64 10.51
C GLU B 242 1.81 -8.13 10.34
N SER B 243 2.44 -9.01 11.13
CA SER B 243 2.08 -10.42 11.06
C SER B 243 0.76 -10.71 11.76
N ASP B 244 0.42 -9.93 12.79
CA ASP B 244 -0.91 -10.03 13.38
C ASP B 244 -1.98 -9.64 12.37
N VAL B 245 -1.69 -8.67 11.50
CA VAL B 245 -2.65 -8.24 10.49
C VAL B 245 -2.90 -9.35 9.48
N TRP B 246 -1.86 -10.08 9.09
CA TRP B 246 -2.04 -11.25 8.24
C TRP B 246 -3.01 -12.24 8.88
N SER B 247 -2.80 -12.53 10.17
CA SER B 247 -3.66 -13.49 10.86
C SER B 247 -5.10 -12.99 10.93
N TYR B 248 -5.29 -11.68 11.08
CA TYR B 248 -6.64 -11.12 11.04
C TYR B 248 -7.32 -11.41 9.71
N GLY B 249 -6.55 -11.35 8.62
CA GLY B 249 -7.11 -11.70 7.32
C GLY B 249 -7.57 -13.14 7.24
N ILE B 250 -6.80 -14.06 7.84
CA ILE B 250 -7.22 -15.44 7.90
C ILE B 250 -8.45 -15.59 8.78
N PHE B 251 -8.52 -14.82 9.87
CA PHE B 251 -9.71 -14.85 10.72
C PHE B 251 -10.94 -14.38 9.96
N LEU B 252 -10.78 -13.38 9.09
CA LEU B 252 -11.90 -12.91 8.29
C LEU B 252 -12.42 -14.01 7.37
N TRP B 253 -11.51 -14.81 6.80
CA TRP B 253 -11.93 -15.93 5.96
C TRP B 253 -12.66 -16.98 6.79
N GLU B 254 -12.16 -17.27 8.00
CA GLU B 254 -12.89 -18.13 8.92
C GLU B 254 -14.29 -17.60 9.18
N LEU B 255 -14.39 -16.29 9.42
CA LEU B 255 -15.65 -15.70 9.85
C LEU B 255 -16.71 -15.79 8.77
N PHE B 256 -16.41 -15.32 7.56
CA PHE B 256 -17.41 -15.23 6.52
C PHE B 256 -17.64 -16.56 5.80
N SER B 257 -16.81 -17.57 6.04
CA SER B 257 -17.10 -18.92 5.60
C SER B 257 -17.82 -19.73 6.68
N LEU B 258 -18.24 -19.07 7.76
CA LEU B 258 -19.02 -19.68 8.83
C LEU B 258 -18.27 -20.84 9.49
N GLY B 259 -16.97 -20.65 9.72
CA GLY B 259 -16.22 -21.57 10.55
C GLY B 259 -15.47 -22.67 9.84
N SER B 260 -15.27 -22.57 8.53
CA SER B 260 -14.50 -23.59 7.84
CA SER B 260 -14.49 -23.57 7.82
C SER B 260 -13.00 -23.39 8.08
N SER B 261 -12.26 -24.48 7.95
CA SER B 261 -10.82 -24.41 8.18
C SER B 261 -10.14 -23.74 7.00
N PRO B 262 -9.13 -22.89 7.24
CA PRO B 262 -8.45 -22.22 6.14
C PRO B 262 -7.70 -23.21 5.26
N TYR B 263 -7.51 -22.81 4.00
CA TYR B 263 -6.89 -23.61 2.96
C TYR B 263 -7.46 -25.04 2.95
N PRO B 264 -8.76 -25.19 2.70
CA PRO B 264 -9.36 -26.53 2.73
C PRO B 264 -8.75 -27.43 1.66
N GLY B 265 -8.46 -28.66 2.05
CA GLY B 265 -7.83 -29.61 1.16
C GLY B 265 -6.36 -29.36 0.91
N MET B 266 -5.65 -28.80 1.89
CA MET B 266 -4.22 -28.53 1.76
C MET B 266 -3.50 -28.97 3.03
N PRO B 267 -2.70 -30.03 2.97
CA PRO B 267 -1.83 -30.34 4.11
C PRO B 267 -0.71 -29.33 4.22
N VAL B 268 -0.21 -29.16 5.44
CA VAL B 268 0.95 -28.31 5.68
C VAL B 268 2.18 -29.10 5.24
N ASP B 269 2.67 -28.83 4.03
CA ASP B 269 3.80 -29.55 3.47
C ASP B 269 4.57 -28.61 2.56
N SER B 270 5.52 -29.17 1.79
CA SER B 270 6.32 -28.37 0.88
C SER B 270 5.45 -27.60 -0.10
N LYS B 271 4.42 -28.25 -0.64
CA LYS B 271 3.55 -27.60 -1.61
C LYS B 271 2.86 -26.40 -1.01
N PHE B 272 2.44 -26.49 0.26
CA PHE B 272 1.73 -25.37 0.88
C PHE B 272 2.65 -24.15 1.03
N TYR B 273 3.84 -24.35 1.60
CA TYR B 273 4.77 -23.23 1.76
C TYR B 273 5.15 -22.65 0.40
N LYS B 274 5.33 -23.50 -0.60
CA LYS B 274 5.71 -23.04 -1.93
C LYS B 274 4.61 -22.17 -2.53
N MET B 275 3.35 -22.56 -2.37
CA MET B 275 2.26 -21.80 -2.96
C MET B 275 2.09 -20.45 -2.27
N ILE B 276 2.17 -20.42 -0.93
CA ILE B 276 2.08 -19.15 -0.21
C ILE B 276 3.19 -18.21 -0.63
N LYS B 277 4.42 -18.73 -0.74
CA LYS B 277 5.54 -17.90 -1.15
C LYS B 277 5.37 -17.40 -2.57
N GLU B 278 4.82 -18.23 -3.46
CA GLU B 278 4.62 -17.83 -4.85
C GLU B 278 3.58 -16.73 -4.97
N GLY B 279 2.65 -16.65 -4.01
CA GLY B 279 1.65 -15.60 -4.03
C GLY B 279 0.22 -16.12 -4.07
N PHE B 280 0.03 -17.40 -3.83
CA PHE B 280 -1.32 -17.94 -3.76
C PHE B 280 -2.04 -17.45 -2.51
N ARG B 281 -3.30 -17.07 -2.69
CA ARG B 281 -4.15 -16.66 -1.59
C ARG B 281 -5.50 -17.32 -1.74
N MET B 282 -6.21 -17.49 -0.61
CA MET B 282 -7.52 -18.09 -0.65
C MET B 282 -8.50 -17.22 -1.43
N SER B 283 -9.44 -17.87 -2.12
CA SER B 283 -10.50 -17.14 -2.79
C SER B 283 -11.55 -16.69 -1.76
N SER B 284 -12.46 -15.85 -2.21
CA SER B 284 -13.41 -15.23 -1.30
C SER B 284 -14.44 -16.24 -0.81
N PRO B 285 -14.80 -16.21 0.47
CA PRO B 285 -15.95 -17.00 0.94
C PRO B 285 -17.23 -16.49 0.32
N GLU B 286 -18.23 -17.37 0.27
CA GLU B 286 -19.43 -17.08 -0.51
C GLU B 286 -20.19 -15.88 0.04
N TYR B 287 -20.29 -15.75 1.36
CA TYR B 287 -21.08 -14.70 1.98
C TYR B 287 -20.26 -13.49 2.40
N ALA B 288 -18.97 -13.46 2.08
CA ALA B 288 -18.17 -12.28 2.37
C ALA B 288 -18.53 -11.15 1.40
N PRO B 289 -18.83 -9.95 1.89
CA PRO B 289 -18.98 -8.81 0.99
C PRO B 289 -17.67 -8.53 0.26
N ALA B 290 -17.80 -7.94 -0.93
CA ALA B 290 -16.60 -7.69 -1.74
C ALA B 290 -15.62 -6.79 -1.02
N GLU B 291 -16.11 -5.78 -0.28
CA GLU B 291 -15.21 -4.89 0.43
C GLU B 291 -14.48 -5.61 1.56
N MET B 292 -15.12 -6.60 2.18
CA MET B 292 -14.45 -7.36 3.23
C MET B 292 -13.36 -8.26 2.65
N TYR B 293 -13.60 -8.83 1.47
CA TYR B 293 -12.55 -9.63 0.83
C TYR B 293 -11.41 -8.75 0.35
N ASP B 294 -11.71 -7.50 -0.02
CA ASP B 294 -10.63 -6.55 -0.34
C ASP B 294 -9.72 -6.34 0.86
N ILE B 295 -10.29 -6.31 2.06
CA ILE B 295 -9.47 -6.19 3.27
C ILE B 295 -8.61 -7.43 3.45
N MET B 296 -9.20 -8.62 3.23
CA MET B 296 -8.44 -9.86 3.33
C MET B 296 -7.23 -9.85 2.42
N LYS B 297 -7.41 -9.39 1.17
CA LYS B 297 -6.32 -9.38 0.21
C LYS B 297 -5.19 -8.46 0.66
N THR B 298 -5.52 -7.28 1.18
CA THR B 298 -4.48 -6.36 1.63
C THR B 298 -3.81 -6.87 2.91
N CYS B 299 -4.55 -7.60 3.75
CA CYS B 299 -3.93 -8.21 4.92
C CYS B 299 -2.92 -9.29 4.52
N TRP B 300 -3.11 -9.89 3.34
CA TRP B 300 -2.25 -10.97 2.86
C TRP B 300 -1.20 -10.49 1.88
N ASP B 301 -0.93 -9.19 1.86
CA ASP B 301 0.11 -8.67 0.98
C ASP B 301 1.46 -9.26 1.39
N ALA B 302 2.22 -9.74 0.40
CA ALA B 302 3.51 -10.35 0.68
C ALA B 302 4.44 -9.35 1.36
N ASP B 303 4.39 -8.10 0.94
CA ASP B 303 5.15 -7.02 1.57
C ASP B 303 4.43 -6.60 2.85
N PRO B 304 5.03 -6.82 4.02
CA PRO B 304 4.34 -6.45 5.27
C PRO B 304 4.06 -4.97 5.38
N ASP B 305 4.86 -4.13 4.72
CA ASP B 305 4.64 -2.69 4.77
C ASP B 305 3.44 -2.26 3.94
N LYS B 306 2.99 -3.08 3.00
CA LYS B 306 1.82 -2.77 2.20
C LYS B 306 0.51 -3.23 2.83
N ARG B 307 0.57 -3.95 3.95
CA ARG B 307 -0.64 -4.33 4.66
C ARG B 307 -1.19 -3.15 5.45
N PRO B 308 -2.51 -3.08 5.61
CA PRO B 308 -3.09 -2.00 6.42
C PRO B 308 -2.81 -2.21 7.90
N THR B 309 -2.87 -1.12 8.64
CA THR B 309 -2.84 -1.22 10.10
C THR B 309 -4.24 -1.54 10.61
N PHE B 310 -4.31 -1.94 11.89
CA PHE B 310 -5.61 -2.17 12.50
C PHE B 310 -6.39 -0.87 12.63
N LYS B 311 -5.70 0.24 12.87
CA LYS B 311 -6.37 1.54 12.90
C LYS B 311 -7.03 1.85 11.56
N GLN B 312 -6.39 1.46 10.45
CA GLN B 312 -7.00 1.65 9.14
C GLN B 312 -8.18 0.72 8.94
N ILE B 313 -8.03 -0.55 9.34
CA ILE B 313 -9.10 -1.53 9.15
C ILE B 313 -10.35 -1.11 9.90
N VAL B 314 -10.19 -0.56 11.11
CA VAL B 314 -11.34 -0.13 11.90
C VAL B 314 -12.13 0.95 11.16
N GLN B 315 -11.42 1.92 10.57
CA GLN B 315 -12.11 2.97 9.83
C GLN B 315 -12.76 2.44 8.55
N ASP B 316 -12.16 1.42 7.94
CA ASP B 316 -12.74 0.82 6.73
C ASP B 316 -14.05 0.12 7.06
N ILE B 317 -14.04 -0.77 8.04
CA ILE B 317 -15.25 -1.48 8.44
C ILE B 317 -16.29 -0.51 8.98
N GLU B 318 -15.83 0.59 9.59
CA GLU B 318 -16.75 1.60 10.10
C GLU B 318 -17.66 2.13 9.00
N LYS B 319 -17.09 2.44 7.83
CA LYS B 319 -17.89 2.96 6.73
C LYS B 319 -18.85 1.90 6.19
N GLN B 320 -18.41 0.63 6.14
CA GLN B 320 -19.26 -0.42 5.61
C GLN B 320 -20.51 -0.61 6.46
N ILE B 321 -20.36 -0.58 7.79
CA ILE B 321 -21.51 -0.75 8.68
C ILE B 321 -22.46 0.42 8.55
N SER B 322 -21.92 1.64 8.43
CA SER B 322 -22.78 2.82 8.34
C SER B 322 -23.66 2.77 7.09
N GLU B 323 -23.13 2.25 5.98
CA GLU B 323 -23.89 2.15 4.74
C GLU B 323 -24.87 0.99 4.81
C1 K3R C . 4.25 11.00 -24.50
C3 K3R C . 4.83 12.60 -26.37
C4 K3R C . 5.75 12.68 -27.43
C5 K3R C . 6.49 11.45 -27.30
C7 K3R C . 5.90 13.76 -28.45
C8 K3R C . 4.85 14.69 -28.68
C11 K3R C . 6.17 17.08 -31.46
C15 K3R C . 6.10 21.41 -28.78
C17 K3R C . 8.04 20.10 -28.95
C19 K3R C . 5.37 22.63 -28.24
C23 K3R C . 5.19 25.98 -26.71
C24 K3R C . 6.50 26.39 -26.52
O25 K3R C . 6.84 27.63 -25.96
C27 K3R C . 5.98 29.81 -25.19
C30 K3R C . 8.59 32.56 -24.74
C31 K3R C . 8.70 33.20 -23.35
C32 K3R C . 7.51 32.73 -22.62
C33 K3R C . 7.12 31.36 -23.26
C34 K3R C . 7.56 25.50 -26.91
C35 K3R C . 7.27 24.26 -27.48
C37 K3R C . 7.14 14.99 -30.20
C38 K3R C . 7.05 13.95 -29.25
N2 K3R C . 5.03 11.42 -25.68
N6 K3R C . 6.06 10.69 -26.25
C9 K3R C . 4.95 15.74 -29.63
C10 K3R C . 6.10 15.92 -30.43
N12 K3R C . 5.58 18.37 -31.03
C13 K3R C . 6.18 19.33 -30.15
C14 K3R C . 5.48 20.48 -29.64
N16 K3R C . 7.41 21.20 -28.43
N18 K3R C . 7.49 19.16 -29.79
C20 K3R C . 3.99 22.84 -28.16
N21 K3R C . 3.70 24.08 -27.59
C22 K3R C . 4.90 24.70 -27.30
C26 K3R C . 6.10 28.79 -26.35
C28 K3R C . 6.86 31.08 -25.51
N29 K3R C . 7.87 31.26 -24.50
N36 K3R C . 5.94 23.82 -27.69
CL CL D . 7.00 -5.55 -25.67
C1 K3R E . -2.68 -10.38 24.11
C3 K3R E . -3.94 -11.88 25.80
C4 K3R E . -5.25 -12.10 26.25
C5 K3R E . -6.00 -11.15 25.48
C7 K3R E . -5.71 -13.07 27.29
C8 K3R E . -6.93 -12.92 28.00
C11 K3R E . -7.05 -15.96 30.45
C15 K3R E . -11.41 -17.88 28.86
C17 K3R E . -9.37 -18.70 28.05
C19 K3R E . -12.91 -17.90 28.87
C23 K3R E . -16.17 -19.40 28.11
C24 K3R E . -15.90 -20.60 27.47
O25 K3R E . -16.91 -21.46 27.03
C27 K3R E . -19.17 -22.38 27.39
C30 K3R E . -20.61 -22.85 25.07
C31 K3R E . -22.04 -23.22 25.53
C32 K3R E . -21.94 -24.59 26.08
C33 K3R E . -20.47 -24.70 26.58
C34 K3R E . -14.53 -20.98 27.25
C35 K3R E . -13.52 -20.13 27.69
C37 K3R E . -5.35 -15.11 28.65
C38 K3R E . -4.94 -14.20 27.67
N2 K3R E . -3.93 -10.88 24.82
N6 K3R E . -5.20 -10.42 24.62
C9 K3R E . -7.34 -13.84 29.00
C10 K3R E . -6.58 -14.97 29.35
N12 K3R E . -8.48 -16.18 30.54
C13 K3R E . -9.25 -17.04 29.70
C14 K3R E . -10.68 -17.03 29.70
N16 K3R E . -10.74 -18.74 28.02
N18 K3R E . -8.60 -17.90 28.84
C20 K3R E . -13.78 -16.92 29.40
N21 K3R E . -15.10 -17.30 29.22
C22 K3R E . -15.09 -18.53 28.57
C26 K3R E . -18.25 -21.14 27.41
C28 K3R E . -18.63 -23.39 26.33
N29 K3R E . -19.73 -23.98 25.58
N36 K3R E . -13.76 -18.90 28.34
C1 K3R F . 9.50 -1.63 14.88
C3 K3R F . 9.04 -1.74 17.42
C4 K3R F . 9.79 -1.87 18.62
C5 K3R F . 11.15 -1.95 18.13
C7 K3R F . 9.29 -1.90 20.06
C8 K3R F . 8.08 -1.27 20.43
C11 K3R F . 7.62 -1.88 24.29
C15 K3R F . 6.24 -6.69 25.36
C17 K3R F . 8.46 -5.93 25.54
C19 K3R F . 5.26 -7.87 25.45
C23 K3R F . 4.49 -11.46 26.08
C24 K3R F . 5.69 -12.05 26.43
O25 K3R F . 5.84 -13.41 26.75
C27 K3R F . 6.31 -15.67 25.78
C30 K3R F . 6.63 -18.79 26.46
C31 K3R F . 7.32 -19.93 27.20
C32 K3R F . 8.71 -19.47 27.43
C33 K3R F . 8.67 -17.90 27.38
C34 K3R F . 6.86 -11.23 26.47
C35 K3R F . 6.80 -9.88 26.16
C37 K3R F . 9.46 -2.55 22.47
C38 K3R F . 9.97 -2.55 21.13
N2 K3R F . 9.91 -1.75 16.31
N6 K3R F . 11.21 -1.88 16.75
C9 K3R F . 7.57 -1.27 21.75
C10 K3R F . 8.24 -1.90 22.82
N12 K3R F . 6.61 -2.92 24.65
C13 K3R F . 6.88 -4.29 24.98
C14 K3R F . 5.87 -5.34 25.04
N16 K3R F . 7.56 -6.95 25.61
N18 K3R F . 8.18 -4.62 25.24
C20 K3R F . 3.89 -7.91 25.20
N21 K3R F . 3.36 -9.21 25.39
C22 K3R F . 4.42 -10.03 25.76
C26 K3R F . 6.77 -14.19 25.96
C28 K3R F . 7.53 -16.64 25.89
N29 K3R F . 7.33 -17.56 26.98
N36 K3R F . 5.59 -9.23 25.80
C1 K3R G . 10.42 -5.39 12.89
C3 K3R G . 9.42 -5.37 15.27
C4 K3R G . 9.90 -5.24 16.60
C5 K3R G . 11.32 -5.07 16.40
C7 K3R G . 9.12 -5.25 17.89
C8 K3R G . 9.70 -5.65 19.11
C11 K3R G . 6.82 -5.30 21.77
C15 K3R G . 6.61 -9.72 22.54
C17 K3R G . 4.30 -9.53 22.21
C19 K3R G . 7.84 -10.55 22.84
C23 K3R G . 9.82 -13.66 23.17
C24 K3R G . 8.98 -14.71 22.85
O25 K3R G . 9.39 -16.06 22.85
C27 K3R G . 11.94 -16.16 22.89
C30 K3R G . 14.25 -16.97 20.45
C31 K3R G . 14.73 -18.15 19.60
C32 K3R G . 14.00 -19.36 20.07
C33 K3R G . 13.20 -18.95 21.35
C34 K3R G . 7.63 -14.41 22.47
C35 K3R G . 7.18 -13.08 22.45
C37 K3R G . 7.04 -4.88 19.19
C38 K3R G . 7.76 -4.87 17.97
N2 K3R G . 10.51 -5.29 14.37
N6 K3R G . 11.69 -5.10 15.08
C9 K3R G . 8.97 -5.67 20.33
C10 K3R G . 7.62 -5.28 20.41
N12 K3R G . 5.58 -6.13 21.80
C13 K3R G . 5.51 -7.54 22.04
C14 K3R G . 6.69 -8.33 22.31
N16 K3R G . 5.38 -10.33 22.49
N18 K3R G . 4.30 -8.18 21.99
C20 K3R G . 9.10 -10.08 23.25
N21 K3R G . 10.02 -11.12 23.43
C22 K3R G . 9.36 -12.30 23.15
C26 K3R G . 10.56 -16.47 23.60
C28 K3R G . 12.14 -17.01 21.60
N29 K3R G . 13.48 -17.57 21.60
N36 K3R G . 8.02 -11.99 22.78
CL CL H . 8.29 -29.93 36.00
#